data_7V46
#
_entry.id   7V46
#
_cell.length_a   111.794
_cell.length_b   111.794
_cell.length_c   80.354
_cell.angle_alpha   90.000
_cell.angle_beta   90.000
_cell.angle_gamma   120.000
#
_symmetry.space_group_name_H-M   'P 32 2 1'
#
loop_
_entity.id
_entity.type
_entity.pdbx_description
1 polymer 'p450tol monooxygenase'
2 non-polymer 1-chloranyl-3-methyl-benzene
3 non-polymer 'PROTOPORPHYRIN IX CONTAINING FE'
4 non-polymer 'PHOSPHATE ION'
5 water water
#
_entity_poly.entity_id   1
_entity_poly.type   'polypeptide(L)'
_entity_poly.pdbx_seq_one_letter_code
;MTTVESNTTAAIPDEIARQIVLPEGHKDNVPLFEAYRWLRENQPLGQARVEGYDPLWLITKYADLMEVERQPQIFAAGGG
EDKGSNNPILANQAGDEFTRQLLGGNLRILDALPYLDQPEHSVVKDVAFDWFRPANLKKWEDRIRETARASIDRLLAGGP
DLDAVQEFAVFFPLRVIMSLFGVPEEDEPRMMALTQDFFGVADPDAQRDDIEALSPDAAAQQWAATIADFYAYFDVLVES
RRAEPRDDLATLIAVAKDENGEYFPKTFAYGWFVAIATAGHDTTASTLAGCLQSLAAHPEVLDRVKGDPDLIPDLVNESL
RIVSPVKHFTRVALQDYEMRGQKIKAGDRLMLLFQSGNRDAEVFDRPDDFDIDRRPNKHIAFGYGPHMCIGQHLAKLELK
VMLQELLPHLERVEVSGEPKLIQTNFVGGLRKLPVHLTFS
;
_entity_poly.pdbx_strand_id   A
#
# COMPACT_ATOMS: atom_id res chain seq x y z
N ALA A 10 11.11 -29.39 3.19
CA ALA A 10 12.04 -28.64 4.09
C ALA A 10 11.62 -27.16 4.21
N ALA A 11 12.11 -26.48 5.25
CA ALA A 11 11.95 -25.02 5.41
C ALA A 11 12.61 -24.33 4.21
N ILE A 12 12.20 -23.09 3.89
CA ILE A 12 12.87 -22.28 2.84
C ILE A 12 14.30 -22.06 3.31
N PRO A 13 15.28 -21.98 2.38
CA PRO A 13 16.65 -21.71 2.77
C PRO A 13 16.75 -20.37 3.49
N ASP A 14 17.65 -20.33 4.48
CA ASP A 14 17.71 -19.27 5.49
C ASP A 14 17.80 -17.92 4.77
N GLU A 15 18.70 -17.75 3.80
CA GLU A 15 18.99 -16.39 3.30
C GLU A 15 17.84 -15.93 2.41
N ILE A 16 17.21 -16.83 1.66
CA ILE A 16 15.97 -16.52 0.88
C ILE A 16 14.89 -16.04 1.85
N ALA A 17 14.62 -16.80 2.90
CA ALA A 17 13.58 -16.48 3.90
C ALA A 17 13.85 -15.11 4.53
N ARG A 18 15.09 -14.86 5.01
CA ARG A 18 15.41 -13.54 5.60
C ARG A 18 15.22 -12.42 4.59
N GLN A 19 15.55 -12.64 3.30
CA GLN A 19 15.51 -11.58 2.25
C GLN A 19 14.07 -11.04 2.18
N ILE A 20 13.12 -11.91 2.36
CA ILE A 20 11.70 -11.55 2.17
C ILE A 20 11.05 -11.18 3.50
N VAL A 21 11.36 -11.88 4.56
CA VAL A 21 10.71 -11.59 5.89
C VAL A 21 11.29 -10.32 6.57
N LEU A 22 12.62 -10.14 6.63
CA LEU A 22 13.21 -8.97 7.30
C LEU A 22 13.02 -7.70 6.46
N PRO A 23 12.58 -6.60 7.09
CA PRO A 23 12.53 -5.33 6.39
C PRO A 23 13.83 -5.00 5.67
N GLU A 24 14.98 -5.23 6.31
CA GLU A 24 16.29 -4.96 5.66
C GLU A 24 16.41 -5.65 4.30
N GLY A 25 15.84 -6.85 4.15
CA GLY A 25 15.88 -7.60 2.88
C GLY A 25 15.20 -6.86 1.73
N HIS A 26 14.36 -5.86 1.99
CA HIS A 26 13.68 -5.07 0.94
C HIS A 26 14.43 -3.78 0.58
N LYS A 27 15.67 -3.56 1.05
CA LYS A 27 16.26 -2.21 0.90
C LYS A 27 16.69 -2.04 -0.56
N ASP A 28 16.99 -3.12 -1.25
CA ASP A 28 17.38 -3.16 -2.69
C ASP A 28 16.43 -4.11 -3.45
N ASN A 29 15.78 -3.63 -4.50
CA ASN A 29 14.78 -4.46 -5.24
C ASN A 29 15.48 -5.66 -5.86
N VAL A 30 16.73 -5.54 -6.32
CA VAL A 30 17.30 -6.64 -7.13
C VAL A 30 17.37 -7.93 -6.30
N PRO A 31 18.05 -8.02 -5.14
CA PRO A 31 18.13 -9.31 -4.46
C PRO A 31 16.77 -9.76 -3.89
N LEU A 32 15.88 -8.80 -3.62
CA LEU A 32 14.52 -9.11 -3.08
C LEU A 32 13.76 -9.85 -4.18
N PHE A 33 13.75 -9.30 -5.37
CA PHE A 33 12.97 -9.91 -6.48
C PHE A 33 13.62 -11.22 -6.95
N GLU A 34 14.95 -11.32 -6.85
CA GLU A 34 15.67 -12.58 -7.09
C GLU A 34 15.22 -13.65 -6.09
N ALA A 35 15.00 -13.33 -4.81
CA ALA A 35 14.54 -14.28 -3.78
C ALA A 35 13.09 -14.69 -4.10
N TYR A 36 12.28 -13.78 -4.48
CA TYR A 36 10.91 -14.06 -4.96
C TYR A 36 10.94 -15.20 -5.99
N ARG A 37 11.79 -14.86 -7.06
CA ARG A 37 11.88 -15.68 -8.30
C ARG A 37 12.42 -17.07 -7.94
N TRP A 38 13.45 -17.14 -7.12
CA TRP A 38 14.02 -18.43 -6.69
C TRP A 38 12.89 -19.27 -6.05
N LEU A 39 12.04 -18.66 -5.22
CA LEU A 39 10.92 -19.43 -4.63
C LEU A 39 9.94 -19.82 -5.75
N ARG A 40 9.51 -18.88 -6.60
CA ARG A 40 8.51 -19.27 -7.63
C ARG A 40 9.02 -20.47 -8.45
N GLU A 41 10.32 -20.53 -8.71
CA GLU A 41 10.96 -21.53 -9.61
C GLU A 41 11.37 -22.81 -8.86
N ASN A 42 11.67 -22.74 -7.56
CA ASN A 42 12.29 -23.86 -6.81
C ASN A 42 11.45 -24.28 -5.61
N GLN A 43 10.69 -23.38 -5.01
CA GLN A 43 9.94 -23.70 -3.76
C GLN A 43 8.77 -22.73 -3.66
N PRO A 44 7.75 -22.88 -4.55
CA PRO A 44 6.72 -21.84 -4.69
C PRO A 44 5.84 -21.69 -3.45
N LEU A 45 5.73 -22.75 -2.66
CA LEU A 45 4.95 -22.71 -1.38
C LEU A 45 5.72 -23.49 -0.32
N GLY A 46 6.58 -22.76 0.37
CA GLY A 46 7.37 -23.21 1.52
C GLY A 46 7.12 -22.36 2.74
N GLN A 47 7.64 -22.82 3.85
CA GLN A 47 7.49 -22.14 5.15
C GLN A 47 8.82 -21.46 5.49
N ALA A 48 8.82 -20.14 5.63
CA ALA A 48 9.97 -19.36 6.15
C ALA A 48 9.92 -19.47 7.68
N ARG A 49 11.09 -19.77 8.29
CA ARG A 49 11.24 -19.93 9.76
C ARG A 49 12.41 -19.03 10.15
N VAL A 50 12.16 -17.73 10.17
CA VAL A 50 13.16 -16.69 10.43
C VAL A 50 13.18 -16.40 11.94
N GLU A 51 14.38 -16.24 12.49
CA GLU A 51 14.50 -15.97 13.95
C GLU A 51 13.70 -14.72 14.27
N GLY A 52 12.90 -14.78 15.33
CA GLY A 52 12.17 -13.59 15.79
C GLY A 52 10.83 -13.44 15.09
N TYR A 53 10.50 -14.33 14.18
CA TYR A 53 9.22 -14.30 13.42
C TYR A 53 8.48 -15.60 13.60
N ASP A 54 7.15 -15.49 13.56
CA ASP A 54 6.31 -16.69 13.38
C ASP A 54 6.72 -17.36 12.08
N PRO A 55 6.57 -18.70 12.01
CA PRO A 55 6.72 -19.38 10.76
C PRO A 55 5.67 -18.86 9.78
N LEU A 56 6.04 -18.73 8.52
CA LEU A 56 5.15 -18.16 7.48
C LEU A 56 5.18 -18.98 6.21
N TRP A 57 3.99 -19.35 5.71
CA TRP A 57 3.91 -19.79 4.30
C TRP A 57 4.09 -18.58 3.39
N LEU A 58 5.10 -18.57 2.52
CA LEU A 58 5.36 -17.49 1.56
C LEU A 58 4.59 -17.75 0.28
N ILE A 59 3.55 -16.96 0.04
CA ILE A 59 2.64 -17.19 -1.09
C ILE A 59 3.19 -16.37 -2.24
N THR A 60 3.92 -17.02 -3.11
CA THR A 60 4.73 -16.37 -4.17
C THR A 60 4.06 -16.43 -5.52
N LYS A 61 3.06 -17.27 -5.66
CA LYS A 61 2.51 -17.59 -6.99
C LYS A 61 1.17 -16.91 -7.18
N TYR A 62 0.93 -16.42 -8.39
CA TYR A 62 -0.27 -15.62 -8.72
C TYR A 62 -1.54 -16.43 -8.44
N ALA A 63 -1.55 -17.71 -8.83
CA ALA A 63 -2.76 -18.55 -8.74
C ALA A 63 -3.07 -18.77 -7.26
N ASP A 64 -2.02 -18.87 -6.42
CA ASP A 64 -2.11 -19.18 -4.99
C ASP A 64 -2.61 -17.94 -4.25
N LEU A 65 -2.18 -16.76 -4.65
CA LEU A 65 -2.68 -15.48 -4.10
C LEU A 65 -4.21 -15.41 -4.25
N MET A 66 -4.69 -15.67 -5.44
CA MET A 66 -6.16 -15.68 -5.71
C MET A 66 -6.83 -16.78 -4.89
N GLU A 67 -6.31 -18.00 -4.89
CA GLU A 67 -6.93 -19.12 -4.15
C GLU A 67 -7.05 -18.74 -2.67
N VAL A 68 -6.00 -18.19 -2.09
CA VAL A 68 -6.11 -17.82 -0.66
C VAL A 68 -7.08 -16.66 -0.49
N GLU A 69 -6.94 -15.63 -1.29
CA GLU A 69 -7.74 -14.41 -1.06
C GLU A 69 -9.21 -14.67 -1.35
N ARG A 70 -9.51 -15.65 -2.20
CA ARG A 70 -10.96 -15.70 -2.42
C ARG A 70 -11.62 -16.60 -1.38
N GLN A 71 -10.98 -17.07 -0.43
CA GLN A 71 -11.56 -17.98 0.61
C GLN A 71 -11.37 -17.42 2.00
N PRO A 72 -12.00 -16.26 2.34
CA PRO A 72 -11.86 -15.69 3.67
C PRO A 72 -12.42 -16.53 4.82
N GLN A 73 -13.37 -17.44 4.56
CA GLN A 73 -13.91 -18.43 5.56
C GLN A 73 -12.79 -19.42 5.97
N ILE A 74 -11.72 -19.51 5.19
CA ILE A 74 -10.59 -20.43 5.48
C ILE A 74 -9.38 -19.61 5.97
N PHE A 75 -9.10 -18.49 5.30
CA PHE A 75 -7.86 -17.71 5.49
C PHE A 75 -8.29 -16.32 5.96
N ALA A 76 -8.25 -16.12 7.29
CA ALA A 76 -8.68 -14.90 8.01
C ALA A 76 -7.57 -13.88 8.03
N ALA A 77 -7.93 -12.61 8.04
CA ALA A 77 -7.02 -11.46 8.26
C ALA A 77 -6.73 -11.15 9.73
N GLY A 78 -7.77 -11.16 10.57
CA GLY A 78 -7.76 -10.70 11.97
C GLY A 78 -7.90 -11.87 12.95
N GLY A 79 -8.08 -13.10 12.46
CA GLY A 79 -8.19 -14.32 13.28
C GLY A 79 -9.62 -14.75 13.52
N GLY A 80 -10.56 -14.27 12.69
CA GLY A 80 -11.94 -14.78 12.68
C GLY A 80 -12.67 -14.36 13.94
N GLU A 81 -13.38 -15.29 14.59
CA GLU A 81 -14.20 -14.95 15.78
C GLU A 81 -13.33 -14.46 16.93
N ASP A 82 -12.11 -14.96 17.04
CA ASP A 82 -11.13 -14.46 18.05
C ASP A 82 -10.49 -13.22 17.44
N LYS A 83 -11.18 -12.09 17.57
CA LYS A 83 -10.83 -10.83 16.88
C LYS A 83 -9.48 -10.32 17.38
N GLY A 84 -8.57 -9.99 16.45
CA GLY A 84 -7.23 -9.54 16.80
C GLY A 84 -6.29 -10.65 17.17
N SER A 85 -6.58 -11.92 16.90
CA SER A 85 -5.61 -12.99 17.24
C SER A 85 -4.58 -13.15 16.12
N ASN A 86 -4.79 -12.50 15.00
CA ASN A 86 -3.82 -12.48 13.87
C ASN A 86 -3.53 -11.03 13.49
N ASN A 87 -2.27 -10.69 13.29
CA ASN A 87 -1.91 -9.34 12.87
C ASN A 87 -1.85 -9.37 11.35
N PRO A 88 -2.70 -8.61 10.63
CA PRO A 88 -2.73 -8.73 9.16
C PRO A 88 -1.48 -8.12 8.50
N ILE A 89 -0.69 -7.41 9.31
CA ILE A 89 0.58 -6.72 8.86
C ILE A 89 1.71 -7.40 9.63
N LEU A 90 2.73 -7.86 8.92
CA LEU A 90 3.72 -8.74 9.55
C LEU A 90 4.59 -7.94 10.51
N ALA A 91 4.34 -8.05 11.79
CA ALA A 91 5.30 -7.62 12.85
C ALA A 91 6.19 -8.81 13.20
N ASN A 92 7.34 -8.52 13.84
CA ASN A 92 8.16 -9.57 14.43
C ASN A 92 7.45 -9.99 15.73
N GLN A 93 7.88 -11.10 16.33
CA GLN A 93 7.22 -11.66 17.53
C GLN A 93 7.26 -10.68 18.69
N ALA A 94 8.39 -10.01 18.91
CA ALA A 94 8.60 -9.11 20.03
C ALA A 94 7.62 -7.95 19.81
N GLY A 95 7.36 -7.58 18.55
CA GLY A 95 6.42 -6.48 18.24
C GLY A 95 4.98 -6.86 18.58
N ASP A 96 4.57 -8.06 18.19
CA ASP A 96 3.22 -8.60 18.46
C ASP A 96 3.07 -8.73 19.99
N GLU A 97 4.14 -9.01 20.71
CA GLU A 97 4.07 -9.19 22.17
C GLU A 97 3.85 -7.79 22.78
N PHE A 98 4.54 -6.77 22.28
CA PHE A 98 4.32 -5.37 22.70
C PHE A 98 2.84 -5.02 22.51
N THR A 99 2.30 -5.30 21.33
CA THR A 99 0.91 -4.91 20.99
C THR A 99 -0.02 -5.64 21.98
N ARG A 100 0.18 -6.93 22.24
CA ARG A 100 -0.70 -7.67 23.19
CA ARG A 100 -0.71 -7.67 23.18
C ARG A 100 -0.57 -7.08 24.59
N GLN A 101 0.61 -6.59 24.98
CA GLN A 101 0.78 -5.91 26.25
C GLN A 101 -0.04 -4.61 26.24
N LEU A 102 0.01 -3.86 25.17
CA LEU A 102 -0.64 -2.53 25.14
C LEU A 102 -2.16 -2.70 25.09
N LEU A 103 -2.65 -3.63 24.27
CA LEU A 103 -4.08 -3.78 24.00
C LEU A 103 -4.74 -4.71 25.03
N GLY A 104 -3.96 -5.58 25.70
CA GLY A 104 -4.51 -6.61 26.60
C GLY A 104 -4.89 -7.89 25.84
N GLY A 105 -3.95 -8.47 25.13
CA GLY A 105 -4.09 -9.87 24.71
C GLY A 105 -4.44 -10.07 23.23
N ASN A 106 -4.55 -9.01 22.46
CA ASN A 106 -4.83 -9.08 21.01
C ASN A 106 -4.04 -8.04 20.26
N LEU A 107 -4.14 -8.11 18.93
CA LEU A 107 -3.33 -7.35 17.97
C LEU A 107 -4.14 -6.34 17.16
N ARG A 108 -5.42 -6.16 17.49
CA ARG A 108 -6.35 -5.35 16.68
C ARG A 108 -6.17 -3.90 17.11
N ILE A 109 -5.09 -3.29 16.62
CA ILE A 109 -4.64 -1.92 17.01
C ILE A 109 -5.33 -0.86 16.15
N LEU A 110 -6.07 -1.24 15.10
CA LEU A 110 -6.93 -0.34 14.33
C LEU A 110 -8.20 -1.13 14.01
N ASP A 111 -9.29 -0.42 13.83
CA ASP A 111 -10.56 -1.01 13.35
C ASP A 111 -10.65 -0.79 11.82
N ALA A 112 -9.53 -0.55 11.18
CA ALA A 112 -9.49 -0.42 9.71
C ALA A 112 -9.75 -1.77 9.02
N LEU A 113 -10.14 -1.71 7.74
CA LEU A 113 -10.57 -2.91 6.99
C LEU A 113 -9.56 -4.05 7.04
N PRO A 114 -8.22 -3.84 6.97
CA PRO A 114 -7.30 -4.99 6.97
C PRO A 114 -7.41 -5.89 8.22
N TYR A 115 -7.91 -5.36 9.34
CA TYR A 115 -7.97 -6.02 10.66
C TYR A 115 -9.27 -6.79 10.86
N LEU A 116 -10.21 -6.67 9.91
CA LEU A 116 -11.58 -7.20 10.05
C LEU A 116 -11.74 -8.46 9.19
N ASP A 117 -12.64 -9.32 9.66
CA ASP A 117 -13.09 -10.56 8.97
C ASP A 117 -14.58 -10.46 8.76
N GLN A 118 -15.08 -11.25 7.81
CA GLN A 118 -16.54 -11.29 7.55
C GLN A 118 -17.24 -11.91 8.76
N PRO A 119 -18.47 -11.44 9.11
CA PRO A 119 -19.21 -10.40 8.40
C PRO A 119 -18.95 -8.94 8.80
N GLU A 120 -18.19 -8.67 9.89
CA GLU A 120 -17.90 -7.30 10.30
C GLU A 120 -17.24 -6.55 9.14
N HIS A 121 -16.29 -7.16 8.47
CA HIS A 121 -15.57 -6.50 7.33
C HIS A 121 -16.53 -5.98 6.26
N SER A 122 -17.47 -6.85 5.90
CA SER A 122 -18.57 -6.57 4.95
C SER A 122 -19.37 -5.36 5.41
N VAL A 123 -19.86 -5.35 6.66
CA VAL A 123 -20.70 -4.23 7.16
C VAL A 123 -19.92 -2.93 7.15
N VAL A 124 -18.67 -2.94 7.63
CA VAL A 124 -17.90 -1.69 7.67
C VAL A 124 -17.56 -1.26 6.22
N LYS A 125 -17.14 -2.18 5.36
CA LYS A 125 -16.70 -1.79 3.99
C LYS A 125 -17.86 -1.11 3.24
N ASP A 126 -19.08 -1.53 3.54
CA ASP A 126 -20.28 -1.06 2.79
C ASP A 126 -20.49 0.41 3.10
N VAL A 127 -19.89 0.95 4.18
CA VAL A 127 -19.99 2.41 4.47
C VAL A 127 -19.47 3.20 3.25
N ALA A 128 -18.36 2.78 2.64
CA ALA A 128 -17.69 3.56 1.58
C ALA A 128 -17.67 2.83 0.22
N PHE A 129 -18.17 1.59 0.12
CA PHE A 129 -18.12 0.83 -1.14
C PHE A 129 -18.63 1.70 -2.31
N ASP A 130 -19.83 2.26 -2.19
CA ASP A 130 -20.42 3.08 -3.29
C ASP A 130 -19.53 4.28 -3.60
N TRP A 131 -19.01 4.95 -2.58
CA TRP A 131 -18.23 6.19 -2.75
C TRP A 131 -17.04 5.94 -3.68
N PHE A 132 -16.44 4.75 -3.61
CA PHE A 132 -15.16 4.40 -4.27
C PHE A 132 -15.36 3.76 -5.65
N ARG A 133 -16.61 3.53 -6.09
CA ARG A 133 -16.89 2.97 -7.41
C ARG A 133 -16.57 4.00 -8.48
N PRO A 134 -16.13 3.55 -9.67
CA PRO A 134 -15.62 4.45 -10.68
C PRO A 134 -16.63 5.55 -11.06
N ALA A 135 -17.89 5.18 -11.28
CA ALA A 135 -18.94 6.13 -11.71
C ALA A 135 -19.11 7.24 -10.65
N ASN A 136 -18.92 6.89 -9.37
CA ASN A 136 -19.10 7.82 -8.22
C ASN A 136 -17.83 8.68 -8.03
N LEU A 137 -16.70 8.28 -8.60
CA LEU A 137 -15.44 9.08 -8.51
C LEU A 137 -15.34 10.12 -9.63
N LYS A 138 -16.19 10.02 -10.66
CA LYS A 138 -16.03 10.87 -11.87
C LYS A 138 -16.38 12.30 -11.50
N LYS A 139 -17.16 12.52 -10.43
CA LYS A 139 -17.53 13.89 -9.98
C LYS A 139 -16.31 14.56 -9.39
N TRP A 140 -15.24 13.83 -9.07
CA TRP A 140 -14.02 14.45 -8.50
C TRP A 140 -12.97 14.72 -9.58
N GLU A 141 -13.21 14.29 -10.80
CA GLU A 141 -12.11 14.23 -11.80
C GLU A 141 -11.59 15.65 -12.07
N ASP A 142 -12.49 16.63 -12.24
CA ASP A 142 -12.08 18.03 -12.51
C ASP A 142 -11.17 18.55 -11.39
N ARG A 143 -11.56 18.34 -10.13
CA ARG A 143 -10.78 18.82 -8.96
C ARG A 143 -9.43 18.13 -8.90
N ILE A 144 -9.40 16.82 -9.18
CA ILE A 144 -8.13 16.07 -9.26
C ILE A 144 -7.25 16.65 -10.37
N ARG A 145 -7.83 16.97 -11.53
CA ARG A 145 -7.07 17.50 -12.69
C ARG A 145 -6.52 18.88 -12.32
N GLU A 146 -7.30 19.67 -11.58
CA GLU A 146 -6.84 21.02 -11.16
C GLU A 146 -5.65 20.86 -10.20
N THR A 147 -5.72 19.92 -9.27
CA THR A 147 -4.62 19.59 -8.34
C THR A 147 -3.37 19.18 -9.11
N ALA A 148 -3.50 18.28 -10.08
CA ALA A 148 -2.40 17.84 -10.98
C ALA A 148 -1.76 19.04 -11.66
N ARG A 149 -2.57 19.88 -12.29
CA ARG A 149 -2.11 21.06 -13.06
C ARG A 149 -1.32 22.01 -12.14
N ALA A 150 -1.78 22.25 -10.91
CA ALA A 150 -1.08 23.14 -9.95
C ALA A 150 0.25 22.51 -9.56
N SER A 151 0.27 21.19 -9.33
CA SER A 151 1.50 20.46 -8.97
C SER A 151 2.51 20.56 -10.13
N ILE A 152 2.07 20.33 -11.36
CA ILE A 152 2.91 20.42 -12.59
C ILE A 152 3.41 21.87 -12.78
N ASP A 153 2.60 22.88 -12.45
CA ASP A 153 3.01 24.30 -12.56
C ASP A 153 4.27 24.50 -11.70
N ARG A 154 4.24 24.07 -10.44
CA ARG A 154 5.38 24.12 -9.48
C ARG A 154 6.55 23.28 -9.99
N LEU A 155 6.30 22.09 -10.57
CA LEU A 155 7.39 21.27 -11.12
C LEU A 155 8.12 22.12 -12.17
N LEU A 156 7.41 22.64 -13.19
CA LEU A 156 8.02 23.41 -14.32
C LEU A 156 8.75 24.66 -13.80
N ALA A 157 8.24 25.31 -12.75
CA ALA A 157 8.80 26.55 -12.15
C ALA A 157 10.08 26.24 -11.39
N GLY A 158 10.19 25.04 -10.81
CA GLY A 158 11.33 24.61 -9.97
C GLY A 158 12.51 24.19 -10.81
N GLY A 159 12.31 23.99 -12.11
CA GLY A 159 13.39 23.65 -13.05
C GLY A 159 13.59 22.14 -13.20
N PRO A 160 14.55 21.71 -14.03
CA PRO A 160 14.66 20.31 -14.45
C PRO A 160 15.39 19.37 -13.51
N ASP A 161 16.17 19.87 -12.54
CA ASP A 161 16.91 18.99 -11.62
C ASP A 161 16.16 18.93 -10.28
N LEU A 162 15.72 17.75 -9.89
CA LEU A 162 15.03 17.57 -8.58
C LEU A 162 15.04 16.11 -8.15
N ASP A 163 14.59 15.89 -6.92
CA ASP A 163 14.18 14.55 -6.46
C ASP A 163 12.70 14.37 -6.87
N ALA A 164 12.47 13.55 -7.88
CA ALA A 164 11.13 13.31 -8.46
C ALA A 164 10.19 12.81 -7.35
N VAL A 165 10.70 12.26 -6.24
CA VAL A 165 9.83 11.82 -5.10
C VAL A 165 9.55 12.97 -4.14
N GLN A 166 10.48 13.43 -3.30
CA GLN A 166 10.12 14.37 -2.21
C GLN A 166 9.79 15.75 -2.75
N GLU A 167 10.29 16.10 -3.95
CA GLU A 167 10.07 17.45 -4.54
C GLU A 167 8.94 17.41 -5.57
N PHE A 168 8.29 16.27 -5.83
CA PHE A 168 7.17 16.23 -6.82
C PHE A 168 6.12 15.18 -6.42
N ALA A 169 6.43 13.89 -6.59
CA ALA A 169 5.45 12.80 -6.62
C ALA A 169 4.63 12.71 -5.32
N VAL A 170 5.22 13.07 -4.17
CA VAL A 170 4.50 12.91 -2.85
C VAL A 170 3.33 13.89 -2.70
N PHE A 171 3.38 15.06 -3.31
CA PHE A 171 2.46 16.17 -2.99
C PHE A 171 1.08 15.97 -3.62
N PHE A 172 1.00 15.65 -4.90
CA PHE A 172 -0.30 15.53 -5.63
C PHE A 172 -1.21 14.53 -4.92
N PRO A 173 -0.77 13.28 -4.66
CA PRO A 173 -1.63 12.27 -4.06
C PRO A 173 -2.16 12.67 -2.69
N LEU A 174 -1.31 13.30 -1.86
CA LEU A 174 -1.72 13.73 -0.50
C LEU A 174 -2.76 14.87 -0.62
N ARG A 175 -2.56 15.83 -1.52
CA ARG A 175 -3.47 16.99 -1.67
C ARG A 175 -4.83 16.48 -2.19
N VAL A 176 -4.83 15.45 -3.02
CA VAL A 176 -6.10 14.85 -3.53
C VAL A 176 -6.85 14.29 -2.32
N ILE A 177 -6.25 13.40 -1.53
CA ILE A 177 -6.90 12.80 -0.34
C ILE A 177 -7.34 13.90 0.64
N MET A 178 -6.46 14.84 0.95
CA MET A 178 -6.81 15.84 1.98
C MET A 178 -7.98 16.69 1.44
N SER A 179 -7.98 17.00 0.16
CA SER A 179 -9.10 17.78 -0.45
C SER A 179 -10.40 16.97 -0.36
N LEU A 180 -10.35 15.65 -0.61
CA LEU A 180 -11.55 14.76 -0.50
C LEU A 180 -12.03 14.67 0.96
N PHE A 181 -11.14 14.78 1.97
CA PHE A 181 -11.53 14.89 3.40
C PHE A 181 -12.07 16.30 3.72
N GLY A 182 -11.74 17.31 2.94
CA GLY A 182 -12.14 18.72 3.23
C GLY A 182 -11.30 19.31 4.34
N VAL A 183 -10.08 18.79 4.45
CA VAL A 183 -9.07 19.12 5.48
C VAL A 183 -8.12 20.16 4.90
N PRO A 184 -7.77 21.23 5.64
CA PRO A 184 -6.98 22.33 5.09
C PRO A 184 -5.58 21.90 4.63
N GLU A 185 -5.09 22.57 3.59
CA GLU A 185 -3.73 22.39 3.03
C GLU A 185 -2.70 22.55 4.16
N GLU A 186 -2.96 23.40 5.15
CA GLU A 186 -1.94 23.71 6.20
C GLU A 186 -1.61 22.42 6.99
N ASP A 187 -2.50 21.42 6.98
CA ASP A 187 -2.35 20.17 7.79
C ASP A 187 -1.65 19.08 6.98
N GLU A 188 -1.28 19.33 5.72
CA GLU A 188 -0.65 18.31 4.86
C GLU A 188 0.73 17.92 5.40
N PRO A 189 1.61 18.86 5.81
CA PRO A 189 2.92 18.48 6.36
C PRO A 189 2.84 17.51 7.56
N ARG A 190 1.91 17.75 8.48
CA ARG A 190 1.67 16.84 9.63
C ARG A 190 1.28 15.44 9.12
N MET A 191 0.34 15.35 8.19
CA MET A 191 -0.10 14.05 7.62
C MET A 191 1.06 13.37 6.89
N MET A 192 1.85 14.10 6.11
CA MET A 192 3.03 13.55 5.41
C MET A 192 4.01 12.96 6.44
N ALA A 193 4.32 13.71 7.51
CA ALA A 193 5.31 13.28 8.54
C ALA A 193 4.80 12.02 9.25
N LEU A 194 3.53 11.98 9.65
CA LEU A 194 2.99 10.76 10.29
C LEU A 194 2.96 9.60 9.30
N THR A 195 2.69 9.84 8.01
CA THR A 195 2.76 8.75 7.00
C THR A 195 4.16 8.17 6.98
N GLN A 196 5.19 9.01 7.02
CA GLN A 196 6.61 8.55 7.06
C GLN A 196 6.86 7.70 8.32
N ASP A 197 6.38 8.17 9.49
CA ASP A 197 6.53 7.40 10.74
C ASP A 197 5.89 6.03 10.57
N PHE A 198 4.72 5.99 9.92
CA PHE A 198 3.85 4.79 9.81
C PHE A 198 4.44 3.73 8.90
N PHE A 199 4.95 4.10 7.72
CA PHE A 199 5.50 3.12 6.75
C PHE A 199 7.02 2.98 6.92
N GLY A 200 7.60 3.75 7.83
CA GLY A 200 9.06 3.78 8.09
C GLY A 200 9.45 3.14 9.39
N VAL A 201 8.53 2.37 10.00
CA VAL A 201 8.74 1.76 11.34
C VAL A 201 10.04 0.92 11.39
N ALA A 202 10.56 0.42 10.26
CA ALA A 202 11.76 -0.43 10.25
C ALA A 202 12.82 0.16 9.29
N ASP A 203 12.64 1.42 8.92
CA ASP A 203 13.60 2.10 8.01
C ASP A 203 14.57 2.88 8.89
N PRO A 204 15.89 2.84 8.61
CA PRO A 204 16.85 3.49 9.49
C PRO A 204 16.77 5.02 9.55
N ASP A 205 16.26 5.65 8.48
CA ASP A 205 16.18 7.14 8.40
C ASP A 205 14.78 7.63 8.78
N ALA A 206 13.90 6.76 9.27
CA ALA A 206 12.51 7.13 9.60
C ALA A 206 12.18 6.82 11.05
N GLN A 207 13.18 6.77 11.95
CA GLN A 207 12.93 6.43 13.37
C GLN A 207 12.35 7.65 14.09
N ARG A 208 11.28 7.44 14.85
CA ARG A 208 10.69 8.49 15.70
C ARG A 208 11.63 8.78 16.88
N ASP A 209 11.60 10.04 17.30
CA ASP A 209 12.45 10.57 18.41
C ASP A 209 11.98 10.01 19.75
N ASP A 210 10.74 9.53 19.85
CA ASP A 210 10.07 9.17 21.12
C ASP A 210 10.06 7.66 21.33
N ILE A 211 10.76 6.91 20.50
CA ILE A 211 10.81 5.43 20.71
C ILE A 211 12.27 5.02 20.80
N GLU A 212 12.53 4.00 21.59
CA GLU A 212 13.89 3.39 21.68
C GLU A 212 14.12 2.61 20.38
N ALA A 213 14.92 3.18 19.49
CA ALA A 213 15.10 2.72 18.11
C ALA A 213 15.71 1.31 18.07
N LEU A 214 16.52 0.95 19.06
CA LEU A 214 17.26 -0.34 19.09
C LEU A 214 16.50 -1.43 19.85
N SER A 215 15.36 -1.13 20.46
CA SER A 215 14.56 -2.13 21.18
C SER A 215 14.08 -3.23 20.22
N PRO A 216 13.89 -4.50 20.66
CA PRO A 216 13.54 -5.61 19.78
C PRO A 216 12.12 -5.42 19.23
N ASP A 217 11.35 -4.52 19.84
CA ASP A 217 9.94 -4.23 19.47
C ASP A 217 9.82 -2.78 19.00
N ALA A 218 10.92 -2.13 18.55
CA ALA A 218 10.92 -0.71 18.15
C ALA A 218 9.80 -0.49 17.11
N ALA A 219 9.74 -1.32 16.07
CA ALA A 219 8.81 -1.13 14.93
C ALA A 219 7.38 -1.06 15.46
N ALA A 220 7.01 -2.01 16.31
CA ALA A 220 5.67 -2.07 16.94
C ALA A 220 5.41 -0.86 17.83
N GLN A 221 6.41 -0.40 18.59
CA GLN A 221 6.25 0.82 19.40
C GLN A 221 6.03 2.01 18.48
N GLN A 222 6.74 2.11 17.34
CA GLN A 222 6.62 3.24 16.41
C GLN A 222 5.22 3.22 15.75
N TRP A 223 4.75 2.06 15.43
CA TRP A 223 3.41 1.84 14.79
C TRP A 223 2.33 2.33 15.76
N ALA A 224 2.40 1.90 17.01
CA ALA A 224 1.47 2.32 18.08
C ALA A 224 1.51 3.84 18.32
N ALA A 225 2.69 4.43 18.45
CA ALA A 225 2.87 5.88 18.72
C ALA A 225 2.28 6.69 17.59
N THR A 226 2.55 6.29 16.34
CA THR A 226 2.00 7.00 15.18
C THR A 226 0.47 6.91 15.17
N ILE A 227 -0.08 5.74 15.44
CA ILE A 227 -1.56 5.58 15.50
C ILE A 227 -2.13 6.54 16.55
N ALA A 228 -1.50 6.68 17.73
CA ALA A 228 -2.03 7.54 18.81
C ALA A 228 -2.04 8.99 18.32
N ASP A 229 -1.02 9.38 17.52
CA ASP A 229 -0.98 10.76 16.97
C ASP A 229 -2.12 10.95 15.96
N PHE A 230 -2.34 9.98 15.09
CA PHE A 230 -3.46 10.01 14.12
C PHE A 230 -4.81 10.10 14.86
N TYR A 231 -5.02 9.29 15.89
CA TYR A 231 -6.26 9.29 16.69
C TYR A 231 -6.54 10.72 17.20
N ALA A 232 -5.54 11.38 17.78
CA ALA A 232 -5.70 12.74 18.34
C ALA A 232 -6.17 13.69 17.26
N TYR A 233 -5.56 13.63 16.09
CA TYR A 233 -5.90 14.55 15.00
C TYR A 233 -7.33 14.22 14.55
N PHE A 234 -7.62 12.96 14.27
CA PHE A 234 -8.90 12.58 13.62
C PHE A 234 -10.09 12.63 14.59
N ASP A 235 -9.82 12.61 15.89
CA ASP A 235 -10.92 12.79 16.87
C ASP A 235 -11.55 14.16 16.66
N VAL A 236 -10.73 15.18 16.44
CA VAL A 236 -11.25 16.54 16.21
C VAL A 236 -12.09 16.54 14.93
N LEU A 237 -11.62 15.90 13.85
CA LEU A 237 -12.34 15.82 12.55
C LEU A 237 -13.67 15.07 12.74
N VAL A 238 -13.64 13.88 13.33
CA VAL A 238 -14.92 13.11 13.52
C VAL A 238 -15.95 14.01 14.23
N GLU A 239 -15.56 14.61 15.36
CA GLU A 239 -16.48 15.45 16.17
C GLU A 239 -16.99 16.60 15.30
N SER A 240 -16.09 17.22 14.52
CA SER A 240 -16.41 18.38 13.67
C SER A 240 -17.46 18.00 12.63
N ARG A 241 -17.29 16.88 11.93
CA ARG A 241 -18.21 16.49 10.83
C ARG A 241 -19.53 15.97 11.41
N ARG A 242 -19.53 15.33 12.58
CA ARG A 242 -20.79 14.86 13.25
C ARG A 242 -21.64 16.10 13.54
N ALA A 243 -21.01 17.17 14.03
CA ALA A 243 -21.71 18.39 14.51
C ALA A 243 -22.12 19.21 13.29
N GLU A 244 -21.29 19.25 12.26
CA GLU A 244 -21.50 20.09 11.05
C GLU A 244 -21.13 19.27 9.81
N PRO A 245 -22.04 18.38 9.33
CA PRO A 245 -21.78 17.55 8.13
C PRO A 245 -21.53 18.37 6.85
N ARG A 246 -20.59 17.89 6.03
CA ARG A 246 -20.27 18.50 4.72
C ARG A 246 -20.43 17.45 3.63
N ASP A 247 -20.39 17.89 2.38
CA ASP A 247 -20.35 16.97 1.21
C ASP A 247 -18.89 16.57 0.99
N ASP A 248 -18.30 15.79 1.90
CA ASP A 248 -16.89 15.33 1.76
C ASP A 248 -16.77 13.89 2.30
N LEU A 249 -15.62 13.30 2.07
CA LEU A 249 -15.38 11.86 2.44
C LEU A 249 -15.30 11.74 3.96
N ALA A 250 -14.75 12.75 4.63
CA ALA A 250 -14.64 12.84 6.11
C ALA A 250 -16.03 12.72 6.71
N THR A 251 -17.03 13.36 6.10
CA THR A 251 -18.40 13.32 6.67
C THR A 251 -18.95 11.90 6.54
N LEU A 252 -18.87 11.29 5.35
CA LEU A 252 -19.38 9.91 5.06
C LEU A 252 -18.84 8.98 6.13
N ILE A 253 -17.53 9.09 6.41
CA ILE A 253 -16.85 8.25 7.43
C ILE A 253 -17.36 8.63 8.83
N ALA A 254 -17.38 9.94 9.17
CA ALA A 254 -17.61 10.35 10.58
C ALA A 254 -19.04 10.04 11.03
N VAL A 255 -20.02 10.13 10.14
CA VAL A 255 -21.46 10.08 10.57
C VAL A 255 -21.99 8.66 10.34
N ALA A 256 -21.16 7.72 9.88
CA ALA A 256 -21.64 6.39 9.48
C ALA A 256 -22.36 5.76 10.67
N LYS A 257 -23.55 5.20 10.42
CA LYS A 257 -24.35 4.48 11.44
C LYS A 257 -24.53 3.01 11.04
N ASP A 258 -24.68 2.16 12.05
CA ASP A 258 -24.90 0.70 11.90
C ASP A 258 -26.39 0.47 11.61
N GLU A 259 -26.78 -0.78 11.49
CA GLU A 259 -28.18 -1.20 11.15
C GLU A 259 -29.15 -0.78 12.27
N ASN A 260 -28.65 -0.45 13.47
CA ASN A 260 -29.49 -0.08 14.64
C ASN A 260 -29.63 1.45 14.73
N GLY A 261 -29.08 2.20 13.78
CA GLY A 261 -29.10 3.68 13.78
C GLY A 261 -28.13 4.26 14.81
N GLU A 262 -27.20 3.47 15.34
CA GLU A 262 -26.15 4.00 16.25
C GLU A 262 -24.87 4.29 15.45
N TYR A 263 -24.18 5.39 15.75
CA TYR A 263 -22.84 5.60 15.15
C TYR A 263 -22.04 4.32 15.31
N PHE A 264 -21.23 4.02 14.30
CA PHE A 264 -20.10 3.09 14.50
C PHE A 264 -19.23 3.74 15.58
N PRO A 265 -18.60 2.94 16.46
CA PRO A 265 -17.61 3.47 17.39
C PRO A 265 -16.63 4.42 16.69
N LYS A 266 -16.16 5.45 17.39
CA LYS A 266 -15.22 6.45 16.81
C LYS A 266 -13.99 5.75 16.25
N THR A 267 -13.55 4.64 16.80
CA THR A 267 -12.33 3.97 16.24
C THR A 267 -12.55 3.49 14.80
N PHE A 268 -13.78 3.14 14.38
CA PHE A 268 -13.99 2.72 12.98
C PHE A 268 -13.73 3.91 12.07
N ALA A 269 -14.17 5.10 12.43
CA ALA A 269 -13.86 6.31 11.65
C ALA A 269 -12.34 6.54 11.64
N TYR A 270 -11.70 6.39 12.79
CA TYR A 270 -10.24 6.61 12.85
C TYR A 270 -9.52 5.63 11.91
N GLY A 271 -10.04 4.40 11.86
CA GLY A 271 -9.44 3.34 11.04
C GLY A 271 -9.49 3.68 9.56
N TRP A 272 -10.66 4.01 9.04
CA TRP A 272 -10.80 4.60 7.69
C TRP A 272 -9.82 5.77 7.48
N PHE A 273 -9.83 6.74 8.41
CA PHE A 273 -9.00 7.98 8.30
C PHE A 273 -7.50 7.64 8.27
N VAL A 274 -7.07 6.70 9.14
CA VAL A 274 -5.63 6.28 9.13
C VAL A 274 -5.31 5.62 7.77
N ALA A 275 -6.17 4.71 7.31
CA ALA A 275 -5.91 3.94 6.08
C ALA A 275 -5.82 4.93 4.93
N ILE A 276 -6.77 5.85 4.83
CA ILE A 276 -6.86 6.74 3.64
C ILE A 276 -5.81 7.85 3.72
N ALA A 277 -5.43 8.29 4.92
CA ALA A 277 -4.44 9.36 5.16
C ALA A 277 -3.00 8.84 5.01
N THR A 278 -2.78 7.53 4.87
CA THR A 278 -1.43 6.95 4.72
C THR A 278 -1.37 6.20 3.40
N ALA A 279 -1.93 4.99 3.39
CA ALA A 279 -1.98 4.10 2.22
C ALA A 279 -2.77 4.74 1.08
N GLY A 280 -3.64 5.76 1.34
CA GLY A 280 -4.49 6.38 0.31
C GLY A 280 -3.71 7.34 -0.58
N HIS A 281 -2.47 7.67 -0.24
CA HIS A 281 -1.65 8.59 -1.07
C HIS A 281 -0.26 8.05 -1.28
N ASP A 282 0.35 7.41 -0.27
CA ASP A 282 1.78 6.99 -0.38
C ASP A 282 1.93 6.00 -1.54
N THR A 283 0.95 5.13 -1.76
CA THR A 283 1.01 4.05 -2.78
C THR A 283 0.93 4.71 -4.17
N THR A 284 0.03 5.69 -4.31
CA THR A 284 -0.05 6.54 -5.53
C THR A 284 1.30 7.22 -5.80
N ALA A 285 1.87 7.87 -4.79
CA ALA A 285 3.17 8.59 -4.92
C ALA A 285 4.21 7.61 -5.46
N SER A 286 4.33 6.43 -4.82
CA SER A 286 5.29 5.37 -5.22
C SER A 286 5.09 4.91 -6.67
N THR A 287 3.85 4.67 -7.09
CA THR A 287 3.61 4.23 -8.47
C THR A 287 4.00 5.34 -9.46
N LEU A 288 3.62 6.59 -9.20
CA LEU A 288 3.97 7.73 -10.08
C LEU A 288 5.50 7.86 -10.18
N ALA A 289 6.20 7.77 -9.05
CA ALA A 289 7.69 7.84 -9.07
C ALA A 289 8.28 6.65 -9.82
N GLY A 290 7.81 5.42 -9.57
CA GLY A 290 8.23 4.23 -10.29
C GLY A 290 7.97 4.32 -11.79
N CYS A 291 6.84 4.89 -12.17
CA CYS A 291 6.49 5.18 -13.58
C CYS A 291 7.54 6.12 -14.20
N LEU A 292 7.92 7.18 -13.50
CA LEU A 292 8.93 8.13 -14.04
C LEU A 292 10.26 7.39 -14.16
N GLN A 293 10.60 6.58 -13.15
CA GLN A 293 11.87 5.80 -13.19
C GLN A 293 11.85 4.90 -14.42
N SER A 294 10.72 4.24 -14.69
CA SER A 294 10.55 3.32 -15.85
C SER A 294 10.64 4.09 -17.18
N LEU A 295 10.08 5.30 -17.24
CA LEU A 295 10.11 6.11 -18.48
C LEU A 295 11.56 6.53 -18.77
N ALA A 296 12.39 6.72 -17.72
CA ALA A 296 13.83 7.02 -17.87
C ALA A 296 14.53 5.84 -18.52
N ALA A 297 14.27 4.62 -18.06
CA ALA A 297 14.84 3.37 -18.62
C ALA A 297 14.27 3.08 -20.02
N HIS A 298 13.05 3.52 -20.33
CA HIS A 298 12.30 3.16 -21.57
C HIS A 298 11.79 4.45 -22.24
N PRO A 299 12.71 5.32 -22.73
CA PRO A 299 12.33 6.59 -23.35
C PRO A 299 11.37 6.43 -24.53
N GLU A 300 11.43 5.29 -25.23
CA GLU A 300 10.53 4.93 -26.36
C GLU A 300 9.08 4.84 -25.87
N VAL A 301 8.86 4.42 -24.63
CA VAL A 301 7.49 4.33 -24.06
C VAL A 301 6.99 5.76 -23.84
N LEU A 302 7.83 6.68 -23.37
CA LEU A 302 7.39 8.09 -23.18
C LEU A 302 6.98 8.64 -24.55
N ASP A 303 7.84 8.49 -25.56
CA ASP A 303 7.55 8.95 -26.94
C ASP A 303 6.18 8.42 -27.41
N ARG A 304 5.96 7.13 -27.23
CA ARG A 304 4.75 6.41 -27.70
C ARG A 304 3.51 6.93 -26.95
N VAL A 305 3.60 7.15 -25.64
CA VAL A 305 2.42 7.57 -24.87
C VAL A 305 2.12 9.05 -25.16
N LYS A 306 3.13 9.85 -25.51
CA LYS A 306 2.88 11.27 -25.87
C LYS A 306 2.15 11.29 -27.21
N GLY A 307 2.46 10.31 -28.08
CA GLY A 307 1.87 10.17 -29.43
C GLY A 307 0.48 9.58 -29.38
N ASP A 308 0.14 8.85 -28.31
CA ASP A 308 -1.19 8.24 -28.18
C ASP A 308 -1.57 8.22 -26.70
N PRO A 309 -2.06 9.35 -26.18
CA PRO A 309 -2.49 9.47 -24.78
C PRO A 309 -3.51 8.42 -24.31
N ASP A 310 -4.23 7.74 -25.22
CA ASP A 310 -5.11 6.59 -24.87
C ASP A 310 -4.30 5.41 -24.33
N LEU A 311 -2.98 5.38 -24.51
CA LEU A 311 -2.07 4.39 -23.90
C LEU A 311 -1.84 4.65 -22.41
N ILE A 312 -2.24 5.81 -21.87
CA ILE A 312 -1.92 6.19 -20.46
C ILE A 312 -2.46 5.14 -19.49
N PRO A 313 -3.70 4.63 -19.62
CA PRO A 313 -4.16 3.61 -18.67
C PRO A 313 -3.34 2.32 -18.72
N ASP A 314 -2.78 1.99 -19.88
CA ASP A 314 -1.95 0.78 -20.04
C ASP A 314 -0.62 1.07 -19.34
N LEU A 315 -0.12 2.31 -19.42
CA LEU A 315 1.10 2.76 -18.71
C LEU A 315 0.86 2.63 -17.21
N VAL A 316 -0.26 3.14 -16.73
CA VAL A 316 -0.66 3.10 -15.28
C VAL A 316 -0.63 1.64 -14.82
N ASN A 317 -1.30 0.76 -15.56
CA ASN A 317 -1.45 -0.67 -15.21
C ASN A 317 -0.08 -1.35 -15.14
N GLU A 318 0.81 -1.05 -16.09
CA GLU A 318 2.13 -1.70 -16.07
C GLU A 318 2.98 -1.13 -14.93
N SER A 319 2.88 0.16 -14.63
CA SER A 319 3.60 0.79 -13.48
C SER A 319 3.07 0.17 -12.19
N LEU A 320 1.76 -0.08 -12.07
CA LEU A 320 1.19 -0.73 -10.86
C LEU A 320 1.80 -2.12 -10.71
N ARG A 321 1.84 -2.90 -11.81
CA ARG A 321 2.38 -4.28 -11.80
C ARG A 321 3.85 -4.24 -11.33
N ILE A 322 4.66 -3.40 -11.96
CA ILE A 322 6.14 -3.38 -11.73
C ILE A 322 6.43 -2.85 -10.33
N VAL A 323 5.79 -1.75 -9.95
CA VAL A 323 6.07 -1.10 -8.66
C VAL A 323 5.46 -1.92 -7.49
N SER A 324 4.20 -2.36 -7.61
CA SER A 324 3.50 -3.21 -6.60
C SER A 324 3.87 -2.75 -5.19
N PRO A 325 3.54 -1.50 -4.77
CA PRO A 325 4.17 -0.93 -3.58
C PRO A 325 3.65 -1.55 -2.29
N VAL A 326 2.47 -2.18 -2.34
CA VAL A 326 1.89 -2.91 -1.18
C VAL A 326 2.39 -4.35 -1.32
N LYS A 327 3.40 -4.66 -0.53
CA LYS A 327 4.15 -5.92 -0.61
C LYS A 327 3.43 -7.12 -0.01
N HIS A 328 2.64 -6.92 1.04
CA HIS A 328 1.97 -8.09 1.63
C HIS A 328 0.92 -7.71 2.65
N PHE A 329 0.07 -8.69 2.91
CA PHE A 329 -0.75 -8.81 4.13
C PHE A 329 -0.59 -10.26 4.59
N THR A 330 -0.91 -10.53 5.84
CA THR A 330 -0.81 -11.93 6.30
C THR A 330 -2.21 -12.47 6.52
N ARG A 331 -2.33 -13.72 6.50
CA ARG A 331 -3.58 -14.43 6.79
C ARG A 331 -3.26 -15.58 7.75
N VAL A 332 -4.25 -16.12 8.44
CA VAL A 332 -4.09 -17.30 9.31
C VAL A 332 -5.08 -18.36 8.81
N ALA A 333 -4.64 -19.60 8.75
CA ALA A 333 -5.53 -20.69 8.34
C ALA A 333 -6.49 -20.99 9.50
N LEU A 334 -7.80 -20.98 9.27
CA LEU A 334 -8.73 -21.32 10.37
C LEU A 334 -8.95 -22.84 10.39
N GLN A 335 -8.50 -23.54 9.35
CA GLN A 335 -8.59 -25.01 9.26
C GLN A 335 -7.42 -25.52 8.44
N ASP A 336 -7.09 -26.81 8.58
CA ASP A 336 -6.08 -27.42 7.68
C ASP A 336 -6.49 -27.20 6.24
N TYR A 337 -5.52 -26.93 5.38
CA TYR A 337 -5.80 -26.71 3.94
C TYR A 337 -4.61 -27.16 3.12
N GLU A 338 -4.90 -27.95 2.11
CA GLU A 338 -3.90 -28.48 1.17
C GLU A 338 -3.83 -27.62 -0.08
N MET A 339 -2.65 -27.12 -0.41
CA MET A 339 -2.43 -26.34 -1.65
C MET A 339 -1.03 -26.63 -2.19
N ARG A 340 -0.95 -26.85 -3.51
CA ARG A 340 0.31 -27.10 -4.26
C ARG A 340 1.10 -28.22 -3.58
N GLY A 341 0.40 -29.29 -3.19
CA GLY A 341 1.00 -30.47 -2.53
C GLY A 341 1.54 -30.18 -1.12
N GLN A 342 1.22 -29.02 -0.52
CA GLN A 342 1.67 -28.69 0.86
C GLN A 342 0.47 -28.77 1.81
N LYS A 343 0.73 -29.08 3.08
CA LYS A 343 -0.31 -29.26 4.12
C LYS A 343 -0.21 -28.06 5.07
N ILE A 344 -1.00 -27.02 4.80
CA ILE A 344 -1.13 -25.85 5.69
C ILE A 344 -2.01 -26.27 6.87
N LYS A 345 -1.52 -26.05 8.08
CA LYS A 345 -2.23 -26.45 9.33
C LYS A 345 -3.03 -25.28 9.88
N ALA A 346 -4.15 -25.60 10.52
CA ALA A 346 -4.92 -24.65 11.32
C ALA A 346 -3.94 -23.89 12.19
N GLY A 347 -4.05 -22.57 12.15
CA GLY A 347 -3.20 -21.67 12.95
C GLY A 347 -1.95 -21.24 12.24
N ASP A 348 -1.58 -21.86 11.12
CA ASP A 348 -0.39 -21.42 10.32
C ASP A 348 -0.67 -20.03 9.75
N ARG A 349 0.35 -19.19 9.75
CA ARG A 349 0.23 -17.86 9.12
C ARG A 349 0.83 -17.93 7.70
N LEU A 350 0.31 -17.06 6.85
CA LEU A 350 0.67 -16.95 5.42
C LEU A 350 1.06 -15.53 5.18
N MET A 351 2.02 -15.31 4.29
CA MET A 351 2.45 -13.94 3.90
C MET A 351 2.17 -13.82 2.41
N LEU A 352 1.23 -12.95 2.03
CA LEU A 352 0.78 -12.89 0.62
C LEU A 352 1.74 -11.98 -0.15
N LEU A 353 2.53 -12.50 -1.09
CA LEU A 353 3.58 -11.65 -1.69
C LEU A 353 3.06 -11.11 -3.02
N PHE A 354 2.41 -9.94 -2.97
CA PHE A 354 1.74 -9.37 -4.17
C PHE A 354 2.81 -9.04 -5.21
N GLN A 355 4.00 -8.61 -4.80
CA GLN A 355 5.06 -8.26 -5.79
C GLN A 355 5.48 -9.52 -6.54
N SER A 356 5.55 -10.67 -5.87
CA SER A 356 5.99 -11.94 -6.48
C SER A 356 4.91 -12.40 -7.45
N GLY A 357 3.65 -12.33 -7.03
CA GLY A 357 2.54 -12.72 -7.93
C GLY A 357 2.66 -11.96 -9.26
N ASN A 358 3.01 -10.68 -9.19
CA ASN A 358 3.11 -9.77 -10.34
C ASN A 358 4.39 -10.03 -11.15
N ARG A 359 5.24 -10.98 -10.74
CA ARG A 359 6.36 -11.41 -11.63
C ARG A 359 6.22 -12.90 -11.97
N ASP A 360 5.05 -13.48 -11.74
CA ASP A 360 4.78 -14.92 -12.01
C ASP A 360 4.85 -15.16 -13.52
N ALA A 361 5.80 -15.97 -13.98
CA ALA A 361 6.06 -16.21 -15.43
C ALA A 361 4.94 -17.06 -16.00
N GLU A 362 4.16 -17.75 -15.16
CA GLU A 362 3.02 -18.56 -15.60
C GLU A 362 1.88 -17.65 -16.08
N VAL A 363 1.90 -16.39 -15.69
CA VAL A 363 0.84 -15.40 -16.01
C VAL A 363 1.36 -14.31 -16.93
N PHE A 364 2.58 -13.83 -16.73
CA PHE A 364 3.15 -12.70 -17.50
C PHE A 364 4.34 -13.21 -18.34
N ASP A 365 4.28 -13.00 -19.64
CA ASP A 365 5.42 -13.27 -20.56
C ASP A 365 6.52 -12.26 -20.22
N ARG A 366 7.76 -12.67 -20.01
CA ARG A 366 8.89 -11.75 -19.74
C ARG A 366 8.50 -10.83 -18.58
N PRO A 367 8.20 -11.43 -17.40
CA PRO A 367 7.57 -10.69 -16.33
C PRO A 367 8.40 -9.51 -15.81
N ASP A 368 9.73 -9.53 -15.98
CA ASP A 368 10.60 -8.42 -15.49
C ASP A 368 10.66 -7.28 -16.52
N ASP A 369 10.13 -7.46 -17.73
CA ASP A 369 10.13 -6.42 -18.78
C ASP A 369 8.98 -5.44 -18.53
N PHE A 370 9.27 -4.15 -18.66
CA PHE A 370 8.26 -3.06 -18.65
C PHE A 370 7.57 -3.06 -20.02
N ASP A 371 6.35 -3.56 -20.07
CA ASP A 371 5.66 -3.71 -21.36
C ASP A 371 4.23 -3.23 -21.17
N ILE A 372 3.91 -2.07 -21.74
CA ILE A 372 2.55 -1.50 -21.60
C ILE A 372 1.57 -2.23 -22.52
N ASP A 373 2.05 -3.01 -23.49
CA ASP A 373 1.18 -3.74 -24.44
C ASP A 373 0.62 -5.06 -23.87
N ARG A 374 0.71 -5.32 -22.56
CA ARG A 374 -0.01 -6.48 -21.98
C ARG A 374 -1.47 -6.07 -21.95
N ARG A 375 -2.31 -6.66 -22.77
CA ARG A 375 -3.75 -6.28 -22.80
C ARG A 375 -4.53 -7.58 -22.89
N PRO A 376 -5.25 -8.05 -21.80
CA PRO A 376 -5.33 -7.29 -20.55
C PRO A 376 -4.14 -7.46 -19.59
N ASN A 377 -3.87 -6.41 -18.84
CA ASN A 377 -2.76 -6.44 -17.86
C ASN A 377 -3.31 -7.08 -16.59
N LYS A 378 -3.00 -8.34 -16.36
CA LYS A 378 -3.64 -9.17 -15.30
C LYS A 378 -3.09 -8.86 -13.89
N HIS A 379 -2.46 -7.72 -13.61
CA HIS A 379 -1.68 -7.55 -12.36
C HIS A 379 -2.58 -7.70 -11.13
N ILE A 380 -1.99 -8.12 -10.02
CA ILE A 380 -2.65 -8.28 -8.69
C ILE A 380 -2.02 -7.26 -7.70
N ALA A 381 -1.63 -6.09 -8.19
CA ALA A 381 -1.08 -5.01 -7.36
C ALA A 381 -2.11 -4.55 -6.34
N PHE A 382 -3.41 -4.76 -6.61
CA PHE A 382 -4.46 -4.30 -5.65
C PHE A 382 -4.95 -5.48 -4.84
N GLY A 383 -4.30 -6.62 -5.00
CA GLY A 383 -4.74 -7.84 -4.32
C GLY A 383 -6.02 -8.37 -4.95
N TYR A 384 -6.85 -8.95 -4.11
CA TYR A 384 -7.91 -9.84 -4.55
C TYR A 384 -8.82 -10.15 -3.38
N GLY A 385 -10.04 -10.58 -3.70
CA GLY A 385 -10.97 -11.07 -2.69
C GLY A 385 -11.69 -9.93 -2.07
N PRO A 386 -12.42 -10.17 -0.96
CA PRO A 386 -13.19 -9.07 -0.37
C PRO A 386 -12.31 -7.94 0.17
N HIS A 387 -11.06 -8.24 0.51
CA HIS A 387 -10.11 -7.20 0.98
C HIS A 387 -9.42 -6.46 -0.17
N MET A 388 -9.76 -6.76 -1.41
CA MET A 388 -9.12 -6.12 -2.59
C MET A 388 -9.25 -4.60 -2.43
N CYS A 389 -8.17 -3.87 -2.71
CA CYS A 389 -7.98 -2.43 -2.43
C CYS A 389 -9.25 -1.63 -2.74
N ILE A 390 -9.85 -1.01 -1.74
CA ILE A 390 -11.10 -0.24 -1.95
C ILE A 390 -10.82 0.99 -2.83
N GLY A 391 -9.57 1.47 -2.78
CA GLY A 391 -9.17 2.69 -3.49
C GLY A 391 -8.64 2.48 -4.89
N GLN A 392 -8.71 1.26 -5.39
CA GLN A 392 -8.18 0.93 -6.75
C GLN A 392 -8.67 1.91 -7.83
N HIS A 393 -9.97 2.23 -7.84
CA HIS A 393 -10.51 3.12 -8.90
C HIS A 393 -9.98 4.55 -8.72
N LEU A 394 -9.85 5.00 -7.48
CA LEU A 394 -9.34 6.38 -7.25
C LEU A 394 -7.85 6.41 -7.65
N ALA A 395 -7.10 5.33 -7.38
CA ALA A 395 -5.66 5.25 -7.71
C ALA A 395 -5.50 5.31 -9.22
N LYS A 396 -6.35 4.58 -9.95
CA LYS A 396 -6.22 4.52 -11.43
C LYS A 396 -6.61 5.91 -11.96
N LEU A 397 -7.61 6.53 -11.39
CA LEU A 397 -8.07 7.88 -11.85
C LEU A 397 -6.99 8.94 -11.57
N GLU A 398 -6.49 9.01 -10.35
CA GLU A 398 -5.42 9.97 -10.00
C GLU A 398 -4.28 9.82 -11.01
N LEU A 399 -3.78 8.60 -11.23
CA LEU A 399 -2.56 8.34 -12.02
C LEU A 399 -2.83 8.69 -13.49
N LYS A 400 -4.01 8.35 -13.97
CA LYS A 400 -4.38 8.70 -15.35
C LYS A 400 -4.34 10.22 -15.50
N VAL A 401 -5.03 10.93 -14.64
CA VAL A 401 -5.21 12.43 -14.71
C VAL A 401 -3.82 13.08 -14.63
N MET A 402 -3.04 12.73 -13.61
CA MET A 402 -1.64 13.25 -13.54
C MET A 402 -0.89 13.01 -14.84
N LEU A 403 -0.85 11.78 -15.38
CA LEU A 403 0.00 11.48 -16.57
C LEU A 403 -0.59 12.21 -17.79
N GLN A 404 -1.91 12.25 -17.94
CA GLN A 404 -2.54 13.05 -19.03
C GLN A 404 -1.98 14.48 -19.00
N GLU A 405 -1.85 15.08 -17.83
CA GLU A 405 -1.44 16.52 -17.72
C GLU A 405 0.09 16.63 -17.78
N LEU A 406 0.82 15.62 -17.28
CA LEU A 406 2.30 15.72 -17.08
C LEU A 406 3.01 15.43 -18.40
N LEU A 407 2.73 14.27 -19.01
CA LEU A 407 3.53 13.68 -20.09
C LEU A 407 3.67 14.66 -21.25
N PRO A 408 2.66 15.47 -21.64
CA PRO A 408 2.87 16.42 -22.73
C PRO A 408 4.06 17.34 -22.43
N HIS A 409 4.29 17.64 -21.14
CA HIS A 409 5.30 18.64 -20.67
C HIS A 409 6.71 18.03 -20.65
N LEU A 410 6.81 16.70 -20.69
CA LEU A 410 8.12 15.98 -20.59
C LEU A 410 8.54 15.48 -21.97
N GLU A 411 9.77 15.79 -22.37
CA GLU A 411 10.44 15.21 -23.57
C GLU A 411 11.29 14.01 -23.13
N ARG A 412 11.92 14.07 -21.96
CA ARG A 412 12.84 13.01 -21.48
C ARG A 412 12.92 13.03 -19.95
N VAL A 413 13.05 11.85 -19.36
CA VAL A 413 13.39 11.70 -17.92
C VAL A 413 14.75 11.03 -17.88
N GLU A 414 15.66 11.58 -17.08
CA GLU A 414 16.99 10.99 -16.82
C GLU A 414 17.14 10.85 -15.32
N VAL A 415 17.50 9.66 -14.87
CA VAL A 415 17.84 9.45 -13.44
C VAL A 415 19.29 9.88 -13.30
N SER A 416 19.53 10.92 -12.50
CA SER A 416 20.81 11.66 -12.40
C SER A 416 21.57 11.24 -11.14
N GLY A 417 20.96 10.42 -10.28
CA GLY A 417 21.53 10.08 -8.96
C GLY A 417 20.97 8.76 -8.47
N GLU A 418 21.38 8.33 -7.27
CA GLU A 418 21.10 6.96 -6.78
C GLU A 418 19.66 6.94 -6.31
N PRO A 419 18.76 6.10 -6.86
CA PRO A 419 17.45 5.88 -6.27
C PRO A 419 17.58 5.29 -4.86
N LYS A 420 16.64 5.67 -4.00
CA LYS A 420 16.54 5.10 -2.61
C LYS A 420 15.12 4.62 -2.35
N LEU A 421 15.01 3.38 -1.88
CA LEU A 421 13.72 2.74 -1.55
C LEU A 421 13.49 2.90 -0.06
N ILE A 422 12.24 2.91 0.36
CA ILE A 422 11.92 2.82 1.82
C ILE A 422 12.28 1.39 2.26
N GLN A 423 12.98 1.19 3.37
CA GLN A 423 13.32 -0.16 3.86
C GLN A 423 12.13 -0.69 4.66
N THR A 424 11.28 -1.47 4.01
CA THR A 424 10.09 -2.07 4.63
C THR A 424 9.71 -3.37 3.89
N ASN A 425 9.10 -4.28 4.61
CA ASN A 425 8.47 -5.47 4.03
C ASN A 425 7.00 -5.18 3.73
N PHE A 426 6.48 -3.95 3.94
CA PHE A 426 5.03 -3.72 3.89
C PHE A 426 4.68 -2.75 2.76
N VAL A 427 4.62 -1.48 3.03
CA VAL A 427 4.21 -0.46 2.01
C VAL A 427 5.45 0.35 1.68
N GLY A 428 6.03 0.06 0.53
CA GLY A 428 7.40 0.49 0.21
C GLY A 428 7.37 1.21 -1.11
N GLY A 429 8.47 1.17 -1.81
CA GLY A 429 8.67 2.01 -2.99
C GLY A 429 9.66 3.13 -2.77
N LEU A 430 9.85 3.94 -3.81
CA LEU A 430 10.94 4.95 -3.77
C LEU A 430 10.65 6.04 -2.74
N ARG A 431 11.70 6.44 -1.99
CA ARG A 431 11.69 7.70 -1.22
C ARG A 431 12.57 8.76 -1.90
N LYS A 432 13.36 8.36 -2.87
CA LYS A 432 14.24 9.35 -3.54
C LYS A 432 14.55 8.85 -4.96
N LEU A 433 14.38 9.75 -5.92
CA LEU A 433 14.73 9.46 -7.34
C LEU A 433 15.26 10.75 -7.94
N PRO A 434 16.57 11.01 -7.82
CA PRO A 434 17.13 12.23 -8.39
C PRO A 434 16.99 12.12 -9.91
N VAL A 435 16.40 13.15 -10.51
CA VAL A 435 16.24 13.22 -12.00
C VAL A 435 16.76 14.55 -12.57
N HIS A 436 17.07 14.47 -13.85
CA HIS A 436 17.22 15.58 -14.82
C HIS A 436 16.13 15.41 -15.90
N LEU A 437 15.13 16.29 -15.90
CA LEU A 437 14.00 16.33 -16.85
C LEU A 437 14.39 17.25 -18.01
N THR A 438 14.09 16.83 -19.24
CA THR A 438 14.03 17.72 -20.42
C THR A 438 12.54 18.03 -20.62
N PHE A 439 12.14 19.29 -20.53
CA PHE A 439 10.74 19.76 -20.77
C PHE A 439 10.53 20.07 -22.26
N SER A 440 9.30 19.93 -22.77
CA SER A 440 8.96 20.26 -24.17
C SER A 440 8.51 21.73 -24.25
#